data_5K9I
#
_entry.id   5K9I
#
_cell.length_a   42.012
_cell.length_b   63.306
_cell.length_c   73.770
_cell.angle_alpha   78.85
_cell.angle_beta   88.75
_cell.angle_gamma   89.93
#
_symmetry.space_group_name_H-M   'P 1'
#
loop_
_entity.id
_entity.type
_entity.pdbx_description
1 polymer 'Proto-oncogene tyrosine-protein kinase Src'
2 non-polymer '4-[(4-{4-[(3-cyclopropyl-1H-pyrazol-5-yl)amino]-6-[(prop-2-yn-1-yl)carbamoyl]pyrimidin-2-yl}piperazin-1-yl)methyl]benzene-1-sulfonyl fluoride'
3 water water
#
_entity_poly.entity_id   1
_entity_poly.type   'polypeptide(L)'
_entity_poly.pdbx_seq_one_letter_code
;GHMQTQGLAKDAWEIPRESLRLEVKLGQGCFGEVWMGTWNGTTRVAIKTLKPGTMSPEAFLQEAQVMKKLRHEKLVQLYA
VVSEEPIYIVTEYMSKGSLLDFLKGEMGKYLRLPQLVDMAAQIASGMAYVERMNYVHRDLRAANILVGENLVCKVADFGL
ARLIEDNEYTARQGAKFPIKWTAPEAALYGRFTIKSDVWSFGILLTELTTKGRVPYPGMVNREVLDQVERGYRMPCPPEC
PESLHDLMCQCWRKDPEERPTFEYLQAFLEDYFTSTEPQYQPGENL
;
_entity_poly.pdbx_strand_id   A,B
#
# COMPACT_ATOMS: atom_id res chain seq x y z
N ALA A 12 -34.54 2.77 19.91
CA ALA A 12 -34.25 4.19 19.61
C ALA A 12 -33.77 4.47 18.18
N TRP A 13 -33.42 3.41 17.47
CA TRP A 13 -33.21 3.50 16.03
C TRP A 13 -34.58 3.46 15.39
N GLU A 14 -35.59 3.13 16.18
CA GLU A 14 -36.95 2.87 15.71
C GLU A 14 -37.68 4.13 15.28
N ILE A 15 -38.41 4.04 14.17
CA ILE A 15 -39.22 5.16 13.69
C ILE A 15 -40.60 4.61 13.31
N PRO A 16 -41.58 5.51 13.11
CA PRO A 16 -42.87 4.97 12.67
C PRO A 16 -42.86 4.76 11.15
N ARG A 17 -43.59 3.74 10.70
CA ARG A 17 -43.59 3.38 9.28
C ARG A 17 -44.00 4.54 8.37
N GLU A 18 -45.06 5.26 8.76
CA GLU A 18 -45.57 6.36 7.94
C GLU A 18 -44.61 7.55 7.89
N SER A 19 -43.44 7.39 8.51
CA SER A 19 -42.36 8.34 8.36
C SER A 19 -41.72 8.10 6.99
N LEU A 20 -42.04 6.96 6.38
CA LEU A 20 -41.37 6.55 5.16
C LEU A 20 -42.28 6.59 3.93
N ARG A 21 -41.80 7.28 2.90
CA ARG A 21 -42.40 7.23 1.58
C ARG A 21 -41.57 6.32 0.67
N LEU A 22 -41.99 5.07 0.53
CA LEU A 22 -41.39 4.18 -0.46
C LEU A 22 -41.78 4.61 -1.88
N GLU A 23 -40.81 4.99 -2.69
CA GLU A 23 -41.10 5.50 -4.03
C GLU A 23 -40.77 4.52 -5.18
N VAL A 24 -39.47 4.32 -5.44
CA VAL A 24 -39.04 3.56 -6.62
C VAL A 24 -38.46 2.20 -6.25
N LYS A 25 -38.91 1.14 -6.90
CA LYS A 25 -38.29 -0.17 -6.68
C LYS A 25 -36.92 -0.21 -7.36
N LEU A 26 -35.92 -0.74 -6.67
CA LEU A 26 -34.55 -0.75 -7.18
C LEU A 26 -34.12 -2.16 -7.55
N GLY A 27 -34.69 -3.15 -6.88
CA GLY A 27 -34.37 -4.54 -7.14
C GLY A 27 -34.99 -5.42 -6.07
N GLN A 28 -34.64 -6.71 -6.09
CA GLN A 28 -35.13 -7.63 -5.07
C GLN A 28 -34.27 -8.88 -5.00
N GLY A 29 -34.23 -9.49 -3.82
CA GLY A 29 -33.40 -10.64 -3.57
C GLY A 29 -34.19 -11.73 -2.87
N CYS A 30 -33.48 -12.75 -2.39
CA CYS A 30 -34.14 -13.89 -1.77
C CYS A 30 -34.84 -13.53 -0.47
N PHE A 31 -34.40 -12.46 0.18
CA PHE A 31 -34.96 -12.07 1.48
C PHE A 31 -35.96 -10.93 1.39
N GLY A 32 -35.98 -10.22 0.28
CA GLY A 32 -36.94 -9.14 0.10
C GLY A 32 -36.57 -8.14 -0.98
N GLU A 33 -37.01 -6.89 -0.80
CA GLU A 33 -36.85 -5.87 -1.83
C GLU A 33 -36.05 -4.68 -1.32
N VAL A 34 -35.67 -3.81 -2.26
CA VAL A 34 -34.99 -2.59 -1.92
C VAL A 34 -35.60 -1.45 -2.72
N TRP A 35 -35.97 -0.39 -2.02
CA TRP A 35 -36.67 0.74 -2.59
C TRP A 35 -35.89 2.00 -2.32
N MET A 36 -35.91 2.93 -3.26
CA MET A 36 -35.48 4.29 -2.96
C MET A 36 -36.68 4.97 -2.36
N GLY A 37 -36.46 5.96 -1.51
CA GLY A 37 -37.57 6.52 -0.76
C GLY A 37 -37.30 7.87 -0.13
N THR A 38 -38.27 8.35 0.65
CA THR A 38 -38.11 9.61 1.37
C THR A 38 -38.47 9.46 2.86
N TRP A 39 -37.63 10.04 3.71
CA TRP A 39 -37.76 9.92 5.16
C TRP A 39 -38.17 11.24 5.76
N ASN A 40 -39.24 11.24 6.55
CA ASN A 40 -39.77 12.45 7.18
C ASN A 40 -39.98 13.55 6.14
N GLY A 41 -40.43 13.17 4.95
CA GLY A 41 -40.68 14.11 3.87
C GLY A 41 -39.48 14.86 3.30
N THR A 42 -38.31 14.76 3.93
CA THR A 42 -37.18 15.62 3.56
C THR A 42 -35.89 14.91 3.15
N THR A 43 -35.71 13.65 3.54
CA THR A 43 -34.43 12.98 3.42
C THR A 43 -34.50 11.81 2.44
N ARG A 44 -33.67 11.86 1.40
CA ARG A 44 -33.57 10.77 0.43
C ARG A 44 -32.92 9.55 1.09
N VAL A 45 -33.58 8.40 1.01
CA VAL A 45 -33.09 7.21 1.70
C VAL A 45 -33.30 5.95 0.88
N ALA A 46 -32.66 4.86 1.31
CA ALA A 46 -32.94 3.55 0.77
C ALA A 46 -33.61 2.74 1.86
N ILE A 47 -34.57 1.91 1.46
CA ILE A 47 -35.22 1.00 2.39
C ILE A 47 -35.06 -0.42 1.88
N LYS A 48 -34.63 -1.31 2.75
CA LYS A 48 -34.51 -2.71 2.43
C LYS A 48 -35.65 -3.38 3.18
N THR A 49 -36.62 -3.92 2.44
CA THR A 49 -37.78 -4.58 3.03
C THR A 49 -37.52 -6.06 3.21
N LEU A 50 -37.89 -6.57 4.38
CA LEU A 50 -37.77 -8.00 4.65
C LEU A 50 -39.13 -8.69 4.46
N LYS A 51 -39.10 -9.82 3.74
CA LYS A 51 -40.27 -10.66 3.45
C LYS A 51 -40.97 -11.05 4.76
N PRO A 52 -42.31 -10.90 4.82
CA PRO A 52 -43.03 -11.32 6.02
C PRO A 52 -42.72 -12.77 6.37
N GLY A 53 -42.43 -13.04 7.65
CA GLY A 53 -42.14 -14.38 8.09
C GLY A 53 -40.67 -14.74 8.09
N THR A 54 -39.82 -13.78 7.74
CA THR A 54 -38.38 -14.02 7.73
C THR A 54 -37.84 -13.99 9.15
N MET A 55 -38.40 -13.10 9.98
CA MET A 55 -37.86 -12.87 11.31
C MET A 55 -38.86 -12.15 12.19
N SER A 56 -38.95 -12.60 13.44
CA SER A 56 -39.79 -11.95 14.46
C SER A 56 -39.12 -10.66 14.90
N PRO A 57 -39.89 -9.74 15.51
CA PRO A 57 -39.31 -8.53 16.09
C PRO A 57 -38.24 -8.80 17.17
N GLU A 58 -38.45 -9.79 18.04
CA GLU A 58 -37.46 -10.08 19.07
C GLU A 58 -36.17 -10.66 18.47
N ALA A 59 -36.35 -11.44 17.41
CA ALA A 59 -35.21 -12.05 16.71
C ALA A 59 -34.47 -11.02 15.85
N PHE A 60 -35.15 -9.93 15.51
CA PHE A 60 -34.52 -8.88 14.71
C PHE A 60 -33.57 -8.05 15.55
N LEU A 61 -33.98 -7.75 16.78
CA LEU A 61 -33.16 -7.02 17.73
C LEU A 61 -31.81 -7.71 17.96
N GLN A 62 -31.83 -9.03 18.07
CA GLN A 62 -30.62 -9.80 18.39
C GLN A 62 -29.57 -9.78 17.29
N GLU A 63 -30.01 -9.76 16.03
CA GLU A 63 -29.10 -9.83 14.91
C GLU A 63 -28.70 -8.45 14.40
N ALA A 64 -29.56 -7.46 14.61
CA ALA A 64 -29.29 -6.11 14.10
C ALA A 64 -28.33 -5.32 14.97
N GLN A 65 -27.82 -5.93 16.04
CA GLN A 65 -26.93 -5.20 16.94
C GLN A 65 -25.71 -4.72 16.19
N VAL A 66 -25.25 -5.54 15.24
CA VAL A 66 -24.01 -5.27 14.54
C VAL A 66 -24.13 -4.05 13.61
N MET A 67 -25.15 -4.05 12.75
CA MET A 67 -25.30 -2.93 11.82
C MET A 67 -25.49 -1.62 12.55
N LYS A 68 -26.05 -1.72 13.77
CA LYS A 68 -26.25 -0.55 14.64
C LYS A 68 -24.95 -0.05 15.28
N LYS A 69 -24.01 -0.93 15.56
CA LYS A 69 -22.80 -0.47 16.24
C LYS A 69 -21.74 -0.02 15.25
N LEU A 70 -21.86 -0.44 14.00
CA LEU A 70 -20.86 -0.07 12.98
C LEU A 70 -21.18 1.30 12.38
N ARG A 71 -20.25 2.23 12.51
CA ARG A 71 -20.38 3.53 11.89
C ARG A 71 -19.01 3.96 11.36
N HIS A 72 -18.86 3.87 10.04
CA HIS A 72 -17.63 4.26 9.36
C HIS A 72 -18.02 4.87 8.03
N GLU A 73 -17.20 5.77 7.50
CA GLU A 73 -17.54 6.45 6.25
C GLU A 73 -17.55 5.51 5.04
N LYS A 74 -16.97 4.32 5.15
CA LYS A 74 -16.93 3.38 4.02
C LYS A 74 -17.80 2.17 4.21
N LEU A 75 -18.69 2.24 5.21
CA LEU A 75 -19.81 1.31 5.33
C LEU A 75 -21.11 2.08 5.13
N VAL A 76 -22.05 1.51 4.39
CA VAL A 76 -23.34 2.15 4.15
C VAL A 76 -24.03 2.40 5.48
N GLN A 77 -24.38 3.65 5.74
CA GLN A 77 -24.84 4.07 7.07
C GLN A 77 -26.30 3.74 7.33
N LEU A 78 -26.57 3.03 8.42
CA LEU A 78 -27.93 2.78 8.86
C LEU A 78 -28.53 4.07 9.39
N TYR A 79 -29.78 4.35 9.04
CA TYR A 79 -30.48 5.56 9.46
C TYR A 79 -31.55 5.25 10.50
N ALA A 80 -32.25 4.14 10.29
CA ALA A 80 -33.45 3.87 11.06
C ALA A 80 -33.98 2.49 10.74
N VAL A 81 -34.94 2.06 11.56
CA VAL A 81 -35.46 0.71 11.54
C VAL A 81 -36.97 0.72 11.84
N VAL A 82 -37.71 -0.15 11.15
CA VAL A 82 -39.10 -0.43 11.49
C VAL A 82 -39.13 -1.91 11.82
N SER A 83 -39.15 -2.25 13.10
CA SER A 83 -38.94 -3.65 13.48
C SER A 83 -40.23 -4.45 13.70
N GLU A 84 -41.33 -3.97 13.14
CA GLU A 84 -42.57 -4.75 13.09
C GLU A 84 -42.86 -5.19 11.64
N GLU A 85 -43.32 -6.43 11.47
CA GLU A 85 -43.60 -7.01 10.15
C GLU A 85 -44.55 -6.16 9.31
N PRO A 86 -44.13 -5.81 8.07
CA PRO A 86 -42.85 -6.22 7.49
C PRO A 86 -41.72 -5.27 7.90
N ILE A 87 -40.61 -5.86 8.32
CA ILE A 87 -39.46 -5.10 8.81
C ILE A 87 -38.79 -4.27 7.71
N TYR A 88 -38.58 -2.99 8.00
CA TYR A 88 -37.82 -2.11 7.11
C TYR A 88 -36.46 -1.76 7.68
N ILE A 89 -35.46 -1.70 6.80
CA ILE A 89 -34.16 -1.20 7.19
C ILE A 89 -33.85 0.02 6.34
N VAL A 90 -33.76 1.17 7.00
CA VAL A 90 -33.55 2.43 6.33
C VAL A 90 -32.08 2.82 6.40
N THR A 91 -31.44 3.02 5.25
CA THR A 91 -30.03 3.34 5.22
C THR A 91 -29.80 4.50 4.27
N GLU A 92 -28.59 5.05 4.29
CA GLU A 92 -28.20 6.10 3.36
C GLU A 92 -28.35 5.58 1.94
N TYR A 93 -28.56 6.50 1.01
CA TYR A 93 -28.81 6.15 -0.39
C TYR A 93 -27.57 6.31 -1.26
N MET A 94 -27.20 5.22 -1.93
CA MET A 94 -26.05 5.27 -2.81
C MET A 94 -26.53 5.37 -4.24
N SER A 95 -26.15 6.46 -4.90
CA SER A 95 -26.73 6.81 -6.19
C SER A 95 -26.43 5.86 -7.37
N LYS A 96 -25.34 5.10 -7.30
CA LYS A 96 -24.88 4.34 -8.48
C LYS A 96 -25.09 2.82 -8.42
N GLY A 97 -25.79 2.35 -7.41
CA GLY A 97 -26.09 0.93 -7.29
C GLY A 97 -24.90 0.09 -6.87
N SER A 98 -24.99 -1.20 -7.13
CA SER A 98 -23.97 -2.13 -6.73
C SER A 98 -22.71 -1.99 -7.56
N LEU A 99 -21.57 -2.28 -6.95
CA LEU A 99 -20.27 -2.29 -7.64
C LEU A 99 -20.29 -3.28 -8.80
N LEU A 100 -20.96 -4.41 -8.60
CA LEU A 100 -21.10 -5.39 -9.67
C LEU A 100 -21.79 -4.80 -10.91
N ASP A 101 -22.94 -4.16 -10.72
CA ASP A 101 -23.64 -3.54 -11.85
C ASP A 101 -22.82 -2.42 -12.47
N PHE A 102 -22.20 -1.64 -11.59
CA PHE A 102 -21.35 -0.55 -12.04
C PHE A 102 -20.21 -1.05 -12.90
N LEU A 103 -19.52 -2.10 -12.45
CA LEU A 103 -18.41 -2.65 -13.20
C LEU A 103 -18.82 -3.20 -14.58
N LYS A 104 -20.01 -3.81 -14.66
CA LYS A 104 -20.48 -4.43 -15.90
C LYS A 104 -21.13 -3.41 -16.84
N GLY A 105 -21.63 -2.32 -16.27
CA GLY A 105 -22.32 -1.32 -17.04
C GLY A 105 -21.44 -0.44 -17.92
N GLU A 106 -22.06 0.61 -18.45
CA GLU A 106 -21.43 1.59 -19.32
C GLU A 106 -20.16 2.24 -18.74
N MET A 107 -20.05 2.26 -17.42
CA MET A 107 -18.86 2.83 -16.76
C MET A 107 -17.67 1.89 -16.78
N GLY A 108 -17.96 0.59 -16.86
CA GLY A 108 -16.93 -0.43 -16.91
C GLY A 108 -15.84 -0.07 -17.89
N LYS A 109 -16.27 0.18 -19.12
CA LYS A 109 -15.44 0.62 -20.23
C LYS A 109 -14.33 1.60 -19.83
N TYR A 110 -14.65 2.60 -19.02
CA TYR A 110 -13.72 3.70 -18.82
C TYR A 110 -12.83 3.60 -17.59
N LEU A 111 -13.20 2.71 -16.66
CA LEU A 111 -12.42 2.48 -15.45
C LEU A 111 -11.04 1.88 -15.78
N ARG A 112 -9.98 2.49 -15.28
CA ARG A 112 -8.66 1.90 -15.40
C ARG A 112 -8.14 1.53 -14.01
N LEU A 113 -6.92 1.01 -13.96
CA LEU A 113 -6.33 0.59 -12.70
C LEU A 113 -6.39 1.66 -11.58
N PRO A 114 -5.97 2.92 -11.85
CA PRO A 114 -5.98 3.91 -10.76
C PRO A 114 -7.35 4.09 -10.10
N GLN A 115 -8.41 4.14 -10.89
CA GLN A 115 -9.76 4.22 -10.33
C GLN A 115 -10.07 2.93 -9.57
N LEU A 116 -9.73 1.80 -10.18
CA LEU A 116 -10.06 0.51 -9.62
C LEU A 116 -9.32 0.23 -8.31
N VAL A 117 -8.06 0.63 -8.22
CA VAL A 117 -7.30 0.41 -7.02
C VAL A 117 -7.81 1.35 -5.94
N ASP A 118 -8.20 2.55 -6.35
CA ASP A 118 -8.75 3.48 -5.38
C ASP A 118 -10.07 2.94 -4.81
N MET A 119 -10.87 2.30 -5.65
CA MET A 119 -12.10 1.69 -5.16
C MET A 119 -11.77 0.58 -4.16
N ALA A 120 -10.78 -0.23 -4.49
CA ALA A 120 -10.37 -1.33 -3.63
C ALA A 120 -9.88 -0.79 -2.28
N ALA A 121 -9.14 0.32 -2.30
CA ALA A 121 -8.64 0.93 -1.08
C ALA A 121 -9.78 1.39 -0.16
N GLN A 122 -10.79 2.04 -0.73
CA GLN A 122 -11.96 2.45 0.04
C GLN A 122 -12.63 1.25 0.69
N ILE A 123 -12.77 0.17 -0.07
CA ILE A 123 -13.35 -1.04 0.47
C ILE A 123 -12.49 -1.60 1.62
N ALA A 124 -11.18 -1.72 1.41
CA ALA A 124 -10.30 -2.26 2.43
C ALA A 124 -10.37 -1.41 3.69
N SER A 125 -10.58 -0.10 3.50
CA SER A 125 -10.72 0.81 4.62
C SER A 125 -11.98 0.48 5.42
N GLY A 126 -13.11 0.37 4.73
CA GLY A 126 -14.33 -0.12 5.35
C GLY A 126 -14.09 -1.40 6.14
N MET A 127 -13.46 -2.40 5.52
CA MET A 127 -13.20 -3.66 6.22
C MET A 127 -12.12 -3.54 7.30
N ALA A 128 -11.26 -2.54 7.19
CA ALA A 128 -10.26 -2.32 8.22
C ALA A 128 -10.98 -1.86 9.47
N TYR A 129 -12.05 -1.10 9.28
CA TYR A 129 -12.87 -0.66 10.41
C TYR A 129 -13.58 -1.86 11.06
N VAL A 130 -14.16 -2.72 10.23
CA VAL A 130 -14.80 -3.93 10.73
C VAL A 130 -13.79 -4.79 11.51
N GLU A 131 -12.58 -4.87 10.97
CA GLU A 131 -11.47 -5.59 11.58
C GLU A 131 -11.12 -5.08 12.99
N ARG A 132 -10.94 -3.77 13.15
CA ARG A 132 -10.68 -3.17 14.46
C ARG A 132 -11.83 -3.45 15.43
N MET A 133 -13.06 -3.43 14.92
CA MET A 133 -14.24 -3.66 15.74
C MET A 133 -14.42 -5.13 16.08
N ASN A 134 -13.60 -5.99 15.50
CA ASN A 134 -13.71 -7.43 15.73
C ASN A 134 -14.99 -8.07 15.26
N TYR A 135 -15.48 -7.62 14.11
CA TYR A 135 -16.58 -8.31 13.48
C TYR A 135 -16.15 -9.02 12.20
N VAL A 136 -17.06 -9.80 11.64
CA VAL A 136 -16.81 -10.56 10.43
C VAL A 136 -17.93 -10.21 9.46
N HIS A 137 -17.62 -10.08 8.17
CA HIS A 137 -18.67 -9.68 7.24
C HIS A 137 -19.44 -10.89 6.75
N ARG A 138 -18.68 -11.87 6.23
CA ARG A 138 -19.17 -13.17 5.76
C ARG A 138 -19.63 -13.21 4.30
N ASP A 139 -19.97 -12.06 3.74
CA ASP A 139 -20.48 -12.02 2.36
C ASP A 139 -19.91 -10.82 1.57
N LEU A 140 -18.61 -10.63 1.66
CA LEU A 140 -17.93 -9.58 0.94
C LEU A 140 -17.72 -10.01 -0.51
N ARG A 141 -18.24 -9.19 -1.43
CA ARG A 141 -18.16 -9.40 -2.88
C ARG A 141 -18.69 -8.13 -3.55
N ALA A 142 -18.41 -7.94 -4.84
CA ALA A 142 -18.83 -6.75 -5.56
C ALA A 142 -20.34 -6.44 -5.48
N ALA A 143 -21.16 -7.49 -5.39
CA ALA A 143 -22.61 -7.34 -5.33
C ALA A 143 -23.06 -6.67 -4.02
N ASN A 144 -22.17 -6.67 -3.03
CA ASN A 144 -22.49 -6.10 -1.73
C ASN A 144 -21.69 -4.83 -1.44
N ILE A 145 -21.07 -4.27 -2.47
CA ILE A 145 -20.49 -2.95 -2.36
C ILE A 145 -21.38 -1.99 -3.15
N LEU A 146 -21.67 -0.83 -2.56
CA LEU A 146 -22.48 0.18 -3.23
C LEU A 146 -21.64 1.38 -3.66
N VAL A 147 -21.97 1.93 -4.82
CA VAL A 147 -21.20 3.03 -5.40
C VAL A 147 -22.03 4.29 -5.34
N GLY A 148 -21.40 5.41 -4.99
CA GLY A 148 -22.06 6.70 -4.92
C GLY A 148 -21.45 7.67 -5.91
N GLU A 149 -21.65 8.96 -5.70
CA GLU A 149 -21.03 9.96 -6.56
C GLU A 149 -19.54 9.97 -6.32
N ASN A 150 -18.78 10.42 -7.31
CA ASN A 150 -17.36 10.64 -7.14
C ASN A 150 -16.62 9.32 -6.88
N LEU A 151 -17.20 8.22 -7.39
CA LEU A 151 -16.59 6.90 -7.33
C LEU A 151 -16.41 6.43 -5.88
N VAL A 152 -17.26 6.91 -4.99
CA VAL A 152 -17.29 6.44 -3.61
C VAL A 152 -17.87 5.03 -3.54
N CYS A 153 -17.19 4.14 -2.81
CA CYS A 153 -17.68 2.78 -2.63
C CYS A 153 -17.82 2.51 -1.14
N LYS A 154 -18.88 1.82 -0.75
CA LYS A 154 -19.11 1.48 0.64
C LYS A 154 -19.57 0.05 0.79
N VAL A 155 -19.06 -0.64 1.80
CA VAL A 155 -19.47 -2.01 2.10
C VAL A 155 -20.93 -1.99 2.58
N ALA A 156 -21.73 -2.97 2.17
CA ALA A 156 -23.11 -3.07 2.66
C ALA A 156 -23.50 -4.47 3.11
N ASP A 157 -24.80 -4.65 3.33
CA ASP A 157 -25.51 -5.94 3.38
C ASP A 157 -25.11 -6.91 4.50
N PHE A 158 -26.00 -7.09 5.48
N PHE A 158 -26.11 -7.18 5.34
CA PHE A 158 -25.65 -7.90 6.65
CA PHE A 158 -25.94 -7.64 6.72
C PHE A 158 -26.68 -8.98 7.01
C PHE A 158 -26.73 -8.92 7.03
N GLY A 159 -27.45 -9.42 6.03
CA GLY A 159 -28.38 -10.52 6.24
C GLY A 159 -27.69 -11.86 6.41
N PHE A 177 -24.70 -20.78 0.11
CA PHE A 177 -23.65 -19.78 0.17
C PHE A 177 -23.07 -19.51 -1.24
N PRO A 178 -22.28 -18.43 -1.38
CA PRO A 178 -21.55 -18.23 -2.63
C PRO A 178 -20.09 -18.70 -2.46
N ILE A 179 -19.86 -19.96 -2.84
CA ILE A 179 -18.60 -20.64 -2.60
C ILE A 179 -17.39 -20.02 -3.31
N LYS A 180 -17.62 -19.40 -4.46
CA LYS A 180 -16.52 -18.84 -5.21
C LYS A 180 -15.85 -17.67 -4.50
N TRP A 181 -16.57 -17.03 -3.58
CA TRP A 181 -16.00 -15.93 -2.83
C TRP A 181 -15.63 -16.35 -1.39
N THR A 182 -15.93 -17.59 -1.03
CA THR A 182 -15.80 -18.01 0.36
C THR A 182 -14.50 -18.79 0.58
N ALA A 183 -13.83 -18.46 1.67
CA ALA A 183 -12.59 -19.16 2.02
C ALA A 183 -12.91 -20.62 2.28
N PRO A 184 -11.97 -21.53 1.93
CA PRO A 184 -12.07 -22.97 2.15
C PRO A 184 -12.52 -23.33 3.57
N GLU A 185 -11.82 -22.81 4.56
CA GLU A 185 -12.17 -23.12 5.93
C GLU A 185 -13.62 -22.78 6.20
N ALA A 186 -14.12 -21.69 5.61
CA ALA A 186 -15.45 -21.20 5.93
C ALA A 186 -16.53 -21.96 5.17
N ALA A 187 -16.29 -22.23 3.90
CA ALA A 187 -17.21 -23.01 3.09
C ALA A 187 -17.35 -24.41 3.66
N LEU A 188 -16.22 -25.03 4.01
CA LEU A 188 -16.20 -26.41 4.48
C LEU A 188 -16.58 -26.58 5.97
N TYR A 189 -15.92 -25.84 6.85
CA TYR A 189 -16.12 -26.03 8.31
C TYR A 189 -16.74 -24.86 9.08
N GLY A 190 -17.42 -23.96 8.38
CA GLY A 190 -17.99 -22.78 9.00
C GLY A 190 -17.01 -21.90 9.76
N ARG A 191 -15.72 -21.98 9.44
CA ARG A 191 -14.77 -21.10 10.09
C ARG A 191 -14.77 -19.72 9.46
N PHE A 192 -15.77 -18.93 9.81
CA PHE A 192 -15.85 -17.56 9.33
C PHE A 192 -15.11 -16.61 10.25
N THR A 193 -14.07 -15.98 9.72
CA THR A 193 -13.31 -14.97 10.48
C THR A 193 -12.98 -13.79 9.58
N ILE A 194 -12.33 -12.79 10.17
CA ILE A 194 -11.94 -11.64 9.38
C ILE A 194 -10.99 -12.15 8.28
N LYS A 195 -10.27 -13.23 8.58
CA LYS A 195 -9.37 -13.82 7.61
C LYS A 195 -10.12 -14.54 6.49
N SER A 196 -11.35 -14.98 6.74
CA SER A 196 -12.10 -15.51 5.61
C SER A 196 -12.63 -14.34 4.78
N ASP A 197 -12.87 -13.21 5.45
CA ASP A 197 -13.23 -12.00 4.73
C ASP A 197 -12.08 -11.54 3.84
N VAL A 198 -10.86 -11.61 4.37
CA VAL A 198 -9.67 -11.30 3.58
C VAL A 198 -9.62 -12.11 2.29
N TRP A 199 -9.94 -13.39 2.39
CA TRP A 199 -9.96 -14.24 1.22
C TRP A 199 -10.96 -13.68 0.21
N SER A 200 -12.14 -13.29 0.67
CA SER A 200 -13.18 -12.79 -0.25
C SER A 200 -12.71 -11.50 -0.91
N PHE A 201 -12.02 -10.67 -0.14
CA PHE A 201 -11.47 -9.45 -0.69
C PHE A 201 -10.57 -9.73 -1.90
N GLY A 202 -9.70 -10.74 -1.79
CA GLY A 202 -8.85 -11.16 -2.89
C GLY A 202 -9.66 -11.51 -4.13
N ILE A 203 -10.80 -12.17 -3.92
CA ILE A 203 -11.72 -12.49 -5.01
C ILE A 203 -12.37 -11.19 -5.56
N LEU A 204 -12.79 -10.31 -4.65
CA LEU A 204 -13.29 -8.99 -5.05
C LEU A 204 -12.28 -8.30 -5.97
N LEU A 205 -10.99 -8.45 -5.69
CA LEU A 205 -9.96 -7.79 -6.50
C LEU A 205 -9.94 -8.32 -7.93
N THR A 206 -10.38 -9.56 -8.12
CA THR A 206 -10.42 -10.08 -9.50
C THR A 206 -11.66 -9.55 -10.20
N GLU A 207 -12.75 -9.39 -9.44
CA GLU A 207 -13.94 -8.72 -9.96
C GLU A 207 -13.59 -7.31 -10.44
N LEU A 208 -12.85 -6.57 -9.61
CA LEU A 208 -12.49 -5.20 -9.96
C LEU A 208 -11.62 -5.15 -11.20
N THR A 209 -10.70 -6.11 -11.31
CA THR A 209 -9.72 -6.10 -12.41
C THR A 209 -10.21 -6.79 -13.70
N THR A 210 -11.35 -7.49 -13.63
CA THR A 210 -11.94 -8.10 -14.83
C THR A 210 -13.21 -7.39 -15.23
N LYS A 211 -13.46 -6.25 -14.60
CA LYS A 211 -14.71 -5.49 -14.82
C LYS A 211 -15.98 -6.29 -14.48
N GLY A 212 -15.95 -7.08 -13.40
CA GLY A 212 -17.17 -7.70 -12.91
C GLY A 212 -17.45 -9.14 -13.32
N ARG A 213 -16.51 -9.76 -14.04
CA ARG A 213 -16.63 -11.18 -14.39
C ARG A 213 -16.71 -12.10 -13.18
N VAL A 214 -17.59 -13.10 -13.26
CA VAL A 214 -17.67 -14.14 -12.24
C VAL A 214 -16.32 -14.84 -12.15
N PRO A 215 -15.76 -14.99 -10.95
CA PRO A 215 -14.47 -15.67 -10.73
C PRO A 215 -14.50 -17.13 -11.22
N TYR A 216 -13.32 -17.71 -11.44
CA TYR A 216 -13.19 -19.10 -11.92
C TYR A 216 -14.05 -19.38 -13.13
N PRO A 217 -13.80 -18.69 -14.26
CA PRO A 217 -14.63 -18.85 -15.46
C PRO A 217 -14.67 -20.30 -15.86
N GLY A 218 -15.84 -20.82 -16.20
CA GLY A 218 -15.97 -22.18 -16.68
C GLY A 218 -16.14 -23.23 -15.60
N MET A 219 -15.73 -22.91 -14.37
CA MET A 219 -15.82 -23.85 -13.27
C MET A 219 -17.11 -23.71 -12.48
N VAL A 220 -17.72 -24.85 -12.14
CA VAL A 220 -18.89 -24.82 -11.28
C VAL A 220 -18.42 -24.94 -9.84
N ASN A 221 -19.34 -24.74 -8.92
CA ASN A 221 -19.04 -24.72 -7.49
C ASN A 221 -18.13 -25.87 -7.01
N ARG A 222 -18.52 -27.10 -7.30
CA ARG A 222 -17.78 -28.28 -6.83
C ARG A 222 -16.36 -28.35 -7.39
N GLU A 223 -16.23 -28.05 -8.68
CA GLU A 223 -14.97 -28.05 -9.39
C GLU A 223 -14.04 -27.01 -8.73
N VAL A 224 -14.63 -25.88 -8.31
CA VAL A 224 -13.89 -24.81 -7.63
C VAL A 224 -13.35 -25.25 -6.27
N LEU A 225 -14.21 -25.88 -5.49
CA LEU A 225 -13.86 -26.35 -4.17
C LEU A 225 -12.77 -27.42 -4.24
N ASP A 226 -12.90 -28.34 -5.20
CA ASP A 226 -11.89 -29.38 -5.41
C ASP A 226 -10.56 -28.76 -5.77
N GLN A 227 -10.57 -27.92 -6.80
CA GLN A 227 -9.34 -27.30 -7.30
C GLN A 227 -8.66 -26.44 -6.24
N VAL A 228 -9.45 -25.64 -5.53
CA VAL A 228 -8.88 -24.76 -4.51
C VAL A 228 -8.26 -25.55 -3.35
N GLU A 229 -8.80 -26.73 -3.07
CA GLU A 229 -8.25 -27.59 -2.01
C GLU A 229 -6.96 -28.20 -2.51
N ARG A 230 -6.89 -28.45 -3.81
CA ARG A 230 -5.67 -28.93 -4.46
C ARG A 230 -4.67 -27.82 -4.76
N GLY A 231 -4.96 -26.58 -4.35
CA GLY A 231 -4.00 -25.50 -4.50
C GLY A 231 -4.13 -24.61 -5.74
N TYR A 232 -5.15 -24.86 -6.57
CA TYR A 232 -5.43 -23.96 -7.69
C TYR A 232 -5.73 -22.54 -7.21
N ARG A 233 -5.23 -21.55 -7.95
CA ARG A 233 -5.54 -20.15 -7.69
C ARG A 233 -5.73 -19.51 -9.04
N MET A 234 -6.65 -18.56 -9.13
CA MET A 234 -6.83 -17.82 -10.37
C MET A 234 -5.53 -17.13 -10.78
N PRO A 235 -5.20 -17.16 -12.08
CA PRO A 235 -3.99 -16.52 -12.59
C PRO A 235 -4.12 -15.00 -12.66
N CYS A 236 -3.02 -14.34 -12.99
CA CYS A 236 -3.01 -12.90 -13.17
C CYS A 236 -3.93 -12.50 -14.32
N PRO A 237 -4.97 -11.69 -14.02
CA PRO A 237 -5.90 -11.22 -15.05
C PRO A 237 -5.14 -10.39 -16.07
N PRO A 238 -5.57 -10.38 -17.34
CA PRO A 238 -4.78 -9.72 -18.37
C PRO A 238 -4.63 -8.23 -18.07
N GLU A 239 -3.45 -7.69 -18.34
CA GLU A 239 -3.10 -6.29 -18.07
C GLU A 239 -3.01 -5.94 -16.60
N CYS A 240 -3.30 -6.89 -15.72
CA CYS A 240 -3.16 -6.66 -14.28
C CYS A 240 -1.70 -6.84 -13.85
N PRO A 241 -1.12 -5.86 -13.17
CA PRO A 241 0.29 -5.98 -12.76
C PRO A 241 0.48 -7.15 -11.83
N GLU A 242 1.55 -7.91 -12.03
CA GLU A 242 1.84 -9.08 -11.19
C GLU A 242 1.82 -8.75 -9.70
N SER A 243 2.24 -7.54 -9.35
CA SER A 243 2.25 -7.12 -7.95
C SER A 243 0.86 -7.17 -7.31
N LEU A 244 -0.16 -6.77 -8.05
CA LEU A 244 -1.52 -6.84 -7.56
C LEU A 244 -2.02 -8.29 -7.49
N HIS A 245 -1.57 -9.14 -8.41
CA HIS A 245 -1.93 -10.55 -8.37
C HIS A 245 -1.25 -11.27 -7.21
N ASP A 246 -0.05 -10.81 -6.87
CA ASP A 246 0.62 -11.30 -5.66
C ASP A 246 -0.27 -11.03 -4.45
N LEU A 247 -0.82 -9.83 -4.37
CA LEU A 247 -1.73 -9.46 -3.27
C LEU A 247 -2.93 -10.39 -3.22
N MET A 248 -3.52 -10.66 -4.38
CA MET A 248 -4.61 -11.61 -4.42
C MET A 248 -4.16 -12.93 -3.82
N CYS A 249 -3.05 -13.45 -4.32
CA CYS A 249 -2.49 -14.72 -3.87
C CYS A 249 -2.18 -14.77 -2.36
N GLN A 250 -1.76 -13.65 -1.79
CA GLN A 250 -1.55 -13.57 -0.36
C GLN A 250 -2.90 -13.64 0.37
N CYS A 251 -3.94 -13.09 -0.24
CA CYS A 251 -5.27 -13.16 0.34
C CYS A 251 -5.77 -14.59 0.27
N TRP A 252 -5.23 -15.38 -0.66
CA TRP A 252 -5.71 -16.75 -0.86
C TRP A 252 -4.87 -17.86 -0.21
N ARG A 253 -4.00 -17.51 0.71
CA ARG A 253 -3.20 -18.52 1.38
C ARG A 253 -4.06 -19.54 2.12
N LYS A 254 -3.73 -20.83 1.95
CA LYS A 254 -4.42 -21.92 2.61
C LYS A 254 -4.56 -21.67 4.10
N ASP A 255 -3.54 -21.06 4.69
CA ASP A 255 -3.49 -20.85 6.12
C ASP A 255 -4.00 -19.47 6.52
N PRO A 256 -5.23 -19.41 7.06
CA PRO A 256 -5.90 -18.13 7.37
C PRO A 256 -4.99 -17.11 8.05
N GLU A 257 -4.09 -17.55 8.92
CA GLU A 257 -3.23 -16.62 9.67
C GLU A 257 -2.11 -16.00 8.81
N GLU A 258 -1.75 -16.68 7.72
CA GLU A 258 -0.78 -16.14 6.77
C GLU A 258 -1.37 -14.93 6.01
N ARG A 259 -2.69 -14.95 5.83
CA ARG A 259 -3.38 -13.91 5.08
C ARG A 259 -3.15 -12.52 5.70
N PRO A 260 -2.97 -11.50 4.86
CA PRO A 260 -2.70 -10.15 5.40
C PRO A 260 -3.92 -9.54 6.09
N THR A 261 -3.71 -8.53 6.92
CA THR A 261 -4.82 -7.81 7.52
C THR A 261 -5.42 -6.81 6.51
N PHE A 262 -6.61 -6.29 6.82
CA PHE A 262 -7.20 -5.23 6.02
C PHE A 262 -6.45 -3.92 6.26
N GLU A 263 -5.88 -3.78 7.45
CA GLU A 263 -5.03 -2.63 7.73
C GLU A 263 -3.87 -2.56 6.74
N TYR A 264 -3.25 -3.72 6.49
CA TYR A 264 -2.21 -3.82 5.49
C TYR A 264 -2.77 -3.61 4.05
N LEU A 265 -3.81 -4.36 3.70
CA LEU A 265 -4.45 -4.19 2.40
C LEU A 265 -4.82 -2.74 2.10
N GLN A 266 -5.35 -2.02 3.10
CA GLN A 266 -5.75 -0.64 2.89
C GLN A 266 -4.56 0.25 2.60
N ALA A 267 -3.48 0.07 3.36
CA ALA A 267 -2.29 0.92 3.21
C ALA A 267 -1.57 0.62 1.90
N PHE A 268 -1.50 -0.66 1.58
CA PHE A 268 -0.87 -1.09 0.33
C PHE A 268 -1.60 -0.48 -0.86
N LEU A 269 -2.95 -0.47 -0.81
CA LEU A 269 -3.74 -0.03 -1.96
C LEU A 269 -3.73 1.49 -2.09
N GLU A 270 -3.80 2.19 -0.96
CA GLU A 270 -3.72 3.64 -0.98
C GLU A 270 -2.39 4.09 -1.59
N ASP A 271 -1.32 3.36 -1.28
CA ASP A 271 0.03 3.82 -1.64
C ASP A 271 0.52 3.24 -2.95
N TYR A 272 -0.31 2.41 -3.57
CA TYR A 272 0.11 1.50 -4.65
C TYR A 272 0.96 2.14 -5.75
N PHE A 273 0.51 3.28 -6.29
CA PHE A 273 1.17 3.85 -7.46
C PHE A 273 2.44 4.63 -7.13
N THR A 274 2.75 4.79 -5.85
CA THR A 274 4.04 5.38 -5.48
C THR A 274 5.01 4.29 -5.02
N SER A 275 4.54 3.46 -4.10
CA SER A 275 5.38 2.51 -3.36
C SER A 275 5.59 1.19 -4.10
N THR A 276 4.60 0.80 -4.92
CA THR A 276 4.58 -0.53 -5.51
C THR A 276 4.69 -0.55 -7.04
N GLU A 277 3.89 0.25 -7.73
CA GLU A 277 4.00 0.39 -9.19
C GLU A 277 4.29 1.81 -9.65
N PRO A 278 5.46 2.36 -9.28
CA PRO A 278 5.74 3.76 -9.62
C PRO A 278 5.82 4.03 -11.12
N GLN A 279 5.96 2.98 -11.95
CA GLN A 279 6.15 3.18 -13.38
C GLN A 279 4.96 2.66 -14.19
N TYR A 280 3.80 2.63 -13.55
CA TYR A 280 2.59 2.11 -14.17
C TYR A 280 2.23 2.91 -15.42
N GLN A 281 1.91 2.20 -16.50
CA GLN A 281 1.41 2.86 -17.71
C GLN A 281 0.02 2.34 -18.09
N PRO A 282 -0.90 3.26 -18.40
CA PRO A 282 -2.23 2.94 -18.91
C PRO A 282 -2.16 1.96 -20.08
N GLY A 283 -3.11 1.04 -20.14
CA GLY A 283 -3.21 0.10 -21.23
C GLY A 283 -4.60 0.22 -21.85
N GLU A 284 -5.01 -0.79 -22.61
CA GLU A 284 -6.30 -0.74 -23.30
C GLU A 284 -7.44 -0.94 -22.33
N ASN A 285 -7.25 -1.83 -21.36
CA ASN A 285 -8.33 -2.08 -20.40
C ASN A 285 -8.05 -1.70 -18.95
N LEU A 286 -6.79 -1.81 -18.54
CA LEU A 286 -6.38 -1.45 -17.18
C LEU A 286 -5.26 -0.42 -17.21
N ALA B 12 40.52 -2.12 -14.81
CA ALA B 12 41.04 -2.87 -13.65
C ALA B 12 39.90 -3.44 -12.81
N TRP B 13 38.70 -2.90 -13.00
CA TRP B 13 37.51 -3.42 -12.34
C TRP B 13 36.83 -4.47 -13.21
N GLU B 14 37.26 -4.56 -14.47
CA GLU B 14 36.59 -5.39 -15.47
C GLU B 14 36.70 -6.87 -15.15
N ILE B 15 35.63 -7.61 -15.42
CA ILE B 15 35.62 -9.07 -15.22
C ILE B 15 35.13 -9.82 -16.47
N PRO B 16 35.54 -11.09 -16.63
CA PRO B 16 35.02 -11.81 -17.79
C PRO B 16 33.53 -12.13 -17.64
N ARG B 17 32.78 -12.18 -18.73
CA ARG B 17 31.36 -12.46 -18.67
C ARG B 17 31.01 -13.85 -18.14
N GLU B 18 31.94 -14.80 -18.19
CA GLU B 18 31.62 -16.13 -17.72
C GLU B 18 31.74 -16.26 -16.20
N SER B 19 32.29 -15.24 -15.55
CA SER B 19 32.42 -15.28 -14.09
C SER B 19 31.11 -14.97 -13.39
N LEU B 20 30.13 -14.52 -14.15
CA LEU B 20 28.82 -14.13 -13.64
C LEU B 20 27.75 -15.18 -13.90
N ARG B 21 27.01 -15.52 -12.86
CA ARG B 21 25.87 -16.42 -12.96
C ARG B 21 24.62 -15.69 -12.43
N LEU B 22 23.58 -15.59 -13.26
CA LEU B 22 22.38 -14.82 -12.88
C LEU B 22 21.25 -15.73 -12.50
N GLU B 23 21.04 -15.88 -11.19
CA GLU B 23 20.17 -16.91 -10.64
C GLU B 23 18.69 -16.52 -10.46
N VAL B 24 18.44 -15.46 -9.69
CA VAL B 24 17.07 -14.99 -9.41
C VAL B 24 16.87 -13.52 -9.81
N LYS B 25 15.87 -13.27 -10.66
CA LYS B 25 15.53 -11.90 -11.09
C LYS B 25 14.77 -11.14 -10.00
N LEU B 26 15.22 -9.92 -9.68
CA LEU B 26 14.67 -9.20 -8.54
C LEU B 26 13.76 -8.03 -8.92
N GLY B 27 13.80 -7.63 -10.18
CA GLY B 27 12.95 -6.57 -10.65
C GLY B 27 13.64 -5.74 -11.71
N GLN B 28 12.85 -5.01 -12.50
CA GLN B 28 13.41 -4.07 -13.47
C GLN B 28 13.08 -2.64 -13.11
N GLY B 29 13.93 -1.72 -13.59
CA GLY B 29 13.72 -0.31 -13.40
C GLY B 29 13.79 0.43 -14.71
N CYS B 30 14.00 1.74 -14.63
CA CYS B 30 14.08 2.58 -15.81
C CYS B 30 15.24 2.13 -16.68
N PHE B 31 16.40 1.97 -16.06
CA PHE B 31 17.63 1.67 -16.80
C PHE B 31 17.66 0.21 -17.33
N GLY B 32 17.53 -0.77 -16.44
CA GLY B 32 17.53 -2.17 -16.87
C GLY B 32 16.99 -3.17 -15.85
N GLU B 33 17.69 -4.29 -15.66
CA GLU B 33 17.24 -5.33 -14.74
C GLU B 33 18.22 -5.58 -13.59
N VAL B 34 17.75 -6.19 -12.51
CA VAL B 34 18.61 -6.53 -11.38
C VAL B 34 18.40 -7.97 -10.93
N TRP B 35 19.49 -8.72 -10.79
CA TRP B 35 19.43 -10.13 -10.44
C TRP B 35 20.26 -10.43 -9.19
N MET B 36 19.93 -11.52 -8.51
CA MET B 36 20.85 -12.08 -7.54
C MET B 36 21.63 -13.18 -8.24
N GLY B 37 22.93 -13.24 -8.00
CA GLY B 37 23.70 -14.31 -8.59
C GLY B 37 24.98 -14.64 -7.87
N THR B 38 25.87 -15.31 -8.61
CA THR B 38 27.19 -15.65 -8.10
C THR B 38 28.28 -15.08 -9.00
N TRP B 39 29.37 -14.66 -8.37
CA TRP B 39 30.53 -14.13 -9.06
C TRP B 39 31.70 -15.06 -8.75
N ASN B 40 32.40 -15.52 -9.79
CA ASN B 40 33.53 -16.44 -9.67
C ASN B 40 33.16 -17.76 -9.03
N GLY B 41 31.93 -18.21 -9.24
CA GLY B 41 31.46 -19.47 -8.69
C GLY B 41 31.40 -19.54 -7.17
N THR B 42 31.81 -18.47 -6.50
CA THR B 42 31.95 -18.46 -5.05
C THR B 42 31.19 -17.34 -4.29
N THR B 43 31.06 -16.17 -4.92
CA THR B 43 30.63 -14.97 -4.21
C THR B 43 29.21 -14.51 -4.58
N ARG B 44 28.29 -14.55 -3.61
CA ARG B 44 26.96 -14.02 -3.81
C ARG B 44 27.02 -12.52 -4.12
N VAL B 45 26.21 -12.06 -5.06
CA VAL B 45 26.31 -10.71 -5.57
C VAL B 45 25.00 -10.29 -6.18
N ALA B 46 24.79 -8.98 -6.24
CA ALA B 46 23.71 -8.42 -6.99
C ALA B 46 24.28 -8.06 -8.35
N ILE B 47 23.53 -8.37 -9.41
CA ILE B 47 23.95 -8.04 -10.75
C ILE B 47 22.90 -7.18 -11.41
N LYS B 48 23.29 -6.00 -11.88
CA LYS B 48 22.36 -5.10 -12.56
C LYS B 48 22.67 -5.04 -14.05
N THR B 49 21.62 -5.15 -14.86
CA THR B 49 21.73 -5.27 -16.32
C THR B 49 21.28 -3.99 -17.04
N LEU B 50 21.98 -3.63 -18.11
CA LEU B 50 21.81 -2.32 -18.75
C LEU B 50 20.57 -2.15 -19.66
N LYS B 51 20.18 -3.23 -20.33
CA LYS B 51 19.35 -3.14 -21.55
C LYS B 51 20.01 -2.27 -22.64
N PRO B 52 20.40 -2.90 -23.75
CA PRO B 52 20.92 -2.17 -24.91
C PRO B 52 19.77 -1.72 -25.81
N GLY B 53 19.83 -0.49 -26.31
CA GLY B 53 18.82 0.00 -27.23
C GLY B 53 17.92 1.09 -26.66
N THR B 54 17.36 0.83 -25.49
CA THR B 54 16.62 1.86 -24.77
C THR B 54 17.60 2.70 -23.94
N MET B 55 18.48 2.02 -23.21
CA MET B 55 19.44 2.71 -22.35
C MET B 55 20.71 3.11 -23.11
N SER B 56 21.26 4.26 -22.76
CA SER B 56 22.43 4.79 -23.45
C SER B 56 23.67 4.83 -22.56
N PRO B 57 24.71 4.08 -22.94
CA PRO B 57 26.00 4.08 -22.25
C PRO B 57 27.20 4.47 -23.13
N GLU B 58 27.42 5.77 -23.29
CA GLU B 58 28.68 6.28 -23.83
C GLU B 58 29.45 6.95 -22.71
N ALA B 59 28.81 7.94 -22.08
CA ALA B 59 29.36 8.61 -20.91
C ALA B 59 28.65 8.11 -19.66
N PHE B 60 27.73 7.16 -19.82
CA PHE B 60 26.99 6.59 -18.70
C PHE B 60 27.91 5.72 -17.84
N LEU B 61 29.04 5.31 -18.41
CA LEU B 61 30.05 4.61 -17.63
C LEU B 61 31.21 5.57 -17.29
N GLN B 62 30.88 6.86 -17.27
CA GLN B 62 31.67 7.86 -16.57
C GLN B 62 30.93 8.18 -15.26
N GLU B 63 29.65 7.79 -15.21
CA GLU B 63 28.85 7.82 -13.98
C GLU B 63 29.37 6.73 -13.07
N ALA B 64 30.20 5.87 -13.65
CA ALA B 64 30.76 4.71 -13.00
C ALA B 64 31.95 5.08 -12.13
N GLN B 65 32.50 6.25 -12.37
CA GLN B 65 33.68 6.67 -11.63
C GLN B 65 33.33 6.88 -10.16
N VAL B 66 32.14 7.41 -9.92
CA VAL B 66 31.61 7.60 -8.58
C VAL B 66 31.71 6.30 -7.79
N MET B 67 30.94 5.29 -8.22
CA MET B 67 30.90 4.01 -7.54
C MET B 67 32.28 3.34 -7.43
N LYS B 68 33.19 3.68 -8.34
CA LYS B 68 34.56 3.15 -8.30
C LYS B 68 35.43 3.85 -7.26
N LYS B 69 35.07 5.07 -6.89
CA LYS B 69 35.85 5.89 -5.97
C LYS B 69 35.35 5.82 -4.52
N LEU B 70 34.03 5.95 -4.33
CA LEU B 70 33.45 5.98 -2.99
C LEU B 70 33.46 4.59 -2.36
N ARG B 71 34.01 4.47 -1.15
CA ARG B 71 34.02 3.20 -0.43
C ARG B 71 33.68 3.43 1.04
N HIS B 72 32.57 2.87 1.50
CA HIS B 72 32.10 3.05 2.88
C HIS B 72 31.15 1.94 3.31
N GLU B 73 31.23 1.52 4.56
CA GLU B 73 30.47 0.35 5.02
C GLU B 73 28.96 0.55 4.93
N LYS B 74 28.51 1.79 4.81
CA LYS B 74 27.09 2.08 4.66
C LYS B 74 26.71 2.58 3.27
N LEU B 75 27.60 2.42 2.29
CA LEU B 75 27.22 2.54 0.88
C LEU B 75 27.33 1.16 0.27
N VAL B 76 26.41 0.82 -0.61
CA VAL B 76 26.48 -0.46 -1.29
C VAL B 76 27.75 -0.47 -2.13
N GLN B 77 28.57 -1.49 -1.90
CA GLN B 77 29.88 -1.57 -2.54
C GLN B 77 29.84 -2.17 -3.96
N LEU B 78 30.46 -1.46 -4.92
CA LEU B 78 30.68 -2.00 -6.25
C LEU B 78 31.77 -3.07 -6.18
N TYR B 79 31.54 -4.21 -6.82
CA TYR B 79 32.53 -5.28 -6.84
C TYR B 79 33.23 -5.37 -8.17
N ALA B 80 32.48 -5.31 -9.25
CA ALA B 80 33.06 -5.55 -10.57
C ALA B 80 32.17 -4.96 -11.64
N VAL B 81 32.69 -4.90 -12.86
CA VAL B 81 31.92 -4.38 -13.98
C VAL B 81 32.19 -5.14 -15.31
N VAL B 82 31.25 -5.03 -16.25
CA VAL B 82 31.47 -5.41 -17.64
C VAL B 82 31.05 -4.20 -18.46
N SER B 83 32.01 -3.44 -18.96
CA SER B 83 31.74 -2.08 -19.44
C SER B 83 31.45 -1.90 -20.94
N GLU B 84 31.37 -2.99 -21.68
CA GLU B 84 30.90 -2.89 -23.07
C GLU B 84 29.51 -3.49 -23.16
N GLU B 85 28.69 -2.93 -24.04
CA GLU B 85 27.35 -3.44 -24.25
C GLU B 85 27.45 -4.91 -24.60
N PRO B 86 26.61 -5.75 -23.98
CA PRO B 86 25.65 -5.43 -22.92
C PRO B 86 26.34 -5.31 -21.57
N ILE B 87 26.13 -4.18 -20.91
CA ILE B 87 26.81 -3.85 -19.66
C ILE B 87 26.23 -4.57 -18.45
N TYR B 88 27.10 -4.93 -17.50
CA TYR B 88 26.72 -5.59 -16.26
C TYR B 88 27.42 -4.86 -15.13
N ILE B 89 26.68 -4.53 -14.08
CA ILE B 89 27.30 -3.94 -12.89
C ILE B 89 27.14 -4.92 -11.74
N VAL B 90 28.22 -5.17 -11.03
CA VAL B 90 28.22 -6.17 -9.97
C VAL B 90 28.54 -5.52 -8.62
N THR B 91 27.63 -5.67 -7.66
CA THR B 91 27.82 -5.04 -6.36
C THR B 91 27.63 -6.03 -5.25
N GLU B 92 27.82 -5.59 -4.01
CA GLU B 92 27.57 -6.46 -2.86
C GLU B 92 26.08 -6.71 -2.79
N TYR B 93 25.69 -7.81 -2.16
CA TYR B 93 24.28 -8.24 -2.15
C TYR B 93 23.61 -7.93 -0.83
N MET B 94 22.49 -7.22 -0.91
CA MET B 94 21.69 -6.93 0.29
C MET B 94 20.46 -7.81 0.29
N SER B 95 20.43 -8.77 1.21
CA SER B 95 19.46 -9.88 1.15
C SER B 95 18.00 -9.52 1.45
N LYS B 96 17.74 -8.33 2.01
CA LYS B 96 16.38 -7.96 2.44
C LYS B 96 15.65 -7.00 1.52
N GLY B 97 16.30 -6.54 0.45
CA GLY B 97 15.67 -5.64 -0.50
C GLY B 97 15.60 -4.21 -0.01
N SER B 98 14.78 -3.40 -0.66
CA SER B 98 14.64 -1.99 -0.35
C SER B 98 14.08 -1.81 1.05
N LEU B 99 14.53 -0.75 1.73
CA LEU B 99 14.01 -0.38 3.04
C LEU B 99 12.52 -0.13 2.94
N LEU B 100 12.08 0.47 1.84
CA LEU B 100 10.66 0.67 1.63
C LEU B 100 9.87 -0.65 1.71
N ASP B 101 10.28 -1.67 0.96
CA ASP B 101 9.57 -2.95 0.99
C ASP B 101 9.69 -3.67 2.33
N PHE B 102 10.82 -3.46 2.99
CA PHE B 102 11.08 -4.05 4.28
C PHE B 102 10.13 -3.49 5.32
N LEU B 103 10.01 -2.16 5.36
CA LEU B 103 9.09 -1.51 6.28
C LEU B 103 7.62 -1.87 6.08
N LYS B 104 7.20 -2.06 4.82
CA LYS B 104 5.78 -2.31 4.53
C LYS B 104 5.43 -3.78 4.79
N GLY B 105 6.44 -4.63 4.77
CA GLY B 105 6.24 -6.07 4.81
C GLY B 105 6.13 -6.73 6.17
N GLU B 106 6.22 -8.04 6.16
CA GLU B 106 6.16 -8.89 7.34
C GLU B 106 7.06 -8.44 8.49
N MET B 107 8.22 -7.85 8.18
CA MET B 107 9.14 -7.34 9.21
C MET B 107 8.70 -6.05 9.91
N GLY B 108 8.06 -5.17 9.17
CA GLY B 108 7.68 -3.87 9.69
C GLY B 108 6.86 -3.99 10.95
N LYS B 109 6.12 -5.08 11.05
CA LYS B 109 5.23 -5.31 12.19
C LYS B 109 5.99 -5.26 13.52
N TYR B 110 7.23 -5.72 13.52
CA TYR B 110 7.98 -5.89 14.76
C TYR B 110 9.02 -4.81 15.04
N LEU B 111 9.33 -4.02 14.02
CA LEU B 111 10.25 -2.89 14.18
C LEU B 111 9.71 -1.83 15.17
N ARG B 112 10.48 -1.50 16.18
CA ARG B 112 10.09 -0.46 17.11
C ARG B 112 11.03 0.72 16.93
N LEU B 113 10.85 1.76 17.72
CA LEU B 113 11.70 2.94 17.59
C LEU B 113 13.22 2.65 17.72
N PRO B 114 13.64 1.84 18.72
CA PRO B 114 15.09 1.61 18.81
C PRO B 114 15.67 1.03 17.53
N GLN B 115 14.99 0.08 16.89
CA GLN B 115 15.48 -0.45 15.62
C GLN B 115 15.45 0.62 14.54
N LEU B 116 14.33 1.33 14.46
CA LEU B 116 14.14 2.27 13.36
C LEU B 116 15.14 3.41 13.48
N VAL B 117 15.48 3.80 14.70
CA VAL B 117 16.39 4.91 14.88
C VAL B 117 17.80 4.45 14.54
N ASP B 118 18.09 3.19 14.81
CA ASP B 118 19.40 2.67 14.53
C ASP B 118 19.60 2.55 13.02
N MET B 119 18.54 2.23 12.32
CA MET B 119 18.62 2.25 10.88
C MET B 119 18.85 3.67 10.36
N ALA B 120 18.24 4.64 11.00
CA ALA B 120 18.39 6.02 10.61
C ALA B 120 19.84 6.48 10.77
N ALA B 121 20.46 6.04 11.87
CA ALA B 121 21.84 6.39 12.15
C ALA B 121 22.78 5.85 11.08
N GLN B 122 22.57 4.59 10.72
CA GLN B 122 23.33 3.97 9.65
C GLN B 122 23.27 4.73 8.35
N ILE B 123 22.07 5.12 7.95
CA ILE B 123 21.91 5.86 6.72
C ILE B 123 22.59 7.22 6.85
N ALA B 124 22.42 7.87 8.01
CA ALA B 124 23.06 9.15 8.27
C ALA B 124 24.56 9.00 8.17
N SER B 125 25.05 7.93 8.77
CA SER B 125 26.47 7.61 8.71
C SER B 125 26.95 7.48 7.26
N GLY B 126 26.18 6.74 6.45
CA GLY B 126 26.45 6.67 5.03
C GLY B 126 26.45 8.05 4.38
N MET B 127 25.43 8.84 4.68
CA MET B 127 25.35 10.17 4.09
C MET B 127 26.39 11.12 4.66
N ALA B 128 26.88 10.84 5.86
CA ALA B 128 27.91 11.68 6.42
C ALA B 128 29.16 11.50 5.58
N TYR B 129 29.40 10.27 5.15
CA TYR B 129 30.54 9.98 4.29
C TYR B 129 30.45 10.74 2.96
N VAL B 130 29.26 10.78 2.38
CA VAL B 130 29.01 11.48 1.13
C VAL B 130 29.22 12.98 1.34
N GLU B 131 28.81 13.44 2.51
CA GLU B 131 28.95 14.82 2.91
C GLU B 131 30.42 15.21 2.89
N ARG B 132 31.26 14.42 3.58
CA ARG B 132 32.70 14.66 3.65
C ARG B 132 33.38 14.67 2.28
N MET B 133 32.90 13.84 1.36
CA MET B 133 33.51 13.73 0.04
C MET B 133 32.92 14.72 -0.97
N ASN B 134 32.03 15.59 -0.49
CA ASN B 134 31.43 16.61 -1.34
C ASN B 134 30.70 16.03 -2.53
N TYR B 135 29.88 15.03 -2.27
CA TYR B 135 28.99 14.54 -3.28
C TYR B 135 27.56 14.84 -2.88
N VAL B 136 26.64 14.74 -3.83
CA VAL B 136 25.23 14.93 -3.58
C VAL B 136 24.49 13.69 -4.06
N HIS B 137 23.58 13.17 -3.23
CA HIS B 137 22.88 11.95 -3.59
C HIS B 137 21.72 12.24 -4.55
N ARG B 138 20.87 13.20 -4.18
CA ARG B 138 19.77 13.76 -5.00
C ARG B 138 18.50 12.93 -5.02
N ASP B 139 18.53 11.74 -4.42
CA ASP B 139 17.33 10.91 -4.39
C ASP B 139 17.35 9.95 -3.20
N LEU B 140 17.72 10.47 -2.06
CA LEU B 140 17.65 9.72 -0.83
C LEU B 140 16.18 9.55 -0.42
N ARG B 141 15.77 8.31 -0.20
CA ARG B 141 14.41 7.96 0.21
C ARG B 141 14.46 6.46 0.52
N ALA B 142 13.42 5.93 1.16
CA ALA B 142 13.45 4.53 1.59
C ALA B 142 13.58 3.54 0.42
N ALA B 143 13.06 3.92 -0.74
CA ALA B 143 13.14 3.04 -1.91
C ALA B 143 14.58 2.84 -2.36
N ASN B 144 15.46 3.73 -1.96
CA ASN B 144 16.83 3.70 -2.43
C ASN B 144 17.82 3.30 -1.36
N ILE B 145 17.31 2.86 -0.22
CA ILE B 145 18.12 2.24 0.81
C ILE B 145 17.93 0.73 0.70
N LEU B 146 19.02 -0.04 0.79
CA LEU B 146 18.97 -1.49 0.77
C LEU B 146 19.28 -2.08 2.14
N VAL B 147 18.64 -3.19 2.46
CA VAL B 147 18.72 -3.76 3.79
C VAL B 147 19.36 -5.14 3.76
N GLY B 148 20.18 -5.40 4.76
CA GLY B 148 20.89 -6.67 4.85
C GLY B 148 20.49 -7.51 6.04
N GLU B 149 21.29 -8.52 6.34
CA GLU B 149 21.08 -9.28 7.56
C GLU B 149 21.32 -8.37 8.74
N ASN B 150 20.70 -8.69 9.88
CA ASN B 150 20.97 -7.97 11.11
C ASN B 150 20.70 -6.48 10.95
N LEU B 151 19.65 -6.17 10.19
CA LEU B 151 19.11 -4.83 10.10
C LEU B 151 20.11 -3.78 9.55
N VAL B 152 21.17 -4.22 8.89
CA VAL B 152 22.10 -3.29 8.22
C VAL B 152 21.41 -2.59 7.06
N CYS B 153 21.57 -1.27 6.95
CA CYS B 153 21.01 -0.54 5.83
C CYS B 153 22.12 0.20 5.14
N LYS B 154 22.05 0.29 3.81
CA LYS B 154 23.09 0.99 3.08
C LYS B 154 22.47 1.81 1.99
N VAL B 155 23.04 2.98 1.73
CA VAL B 155 22.53 3.81 0.66
C VAL B 155 22.98 3.28 -0.71
N ALA B 156 22.09 3.38 -1.70
CA ALA B 156 22.34 2.81 -3.01
C ALA B 156 22.26 3.91 -4.03
N ASP B 157 23.12 3.85 -5.04
CA ASP B 157 23.20 4.90 -6.04
C ASP B 157 23.02 4.40 -7.45
N PHE B 158 21.81 4.58 -7.97
CA PHE B 158 21.48 4.18 -9.34
CA PHE B 158 21.51 4.20 -9.35
C PHE B 158 20.46 5.11 -9.99
N GLY B 159 20.91 6.28 -10.45
CA GLY B 159 22.31 6.66 -10.36
C GLY B 159 22.59 8.12 -10.64
N LEU B 160 22.42 8.96 -9.62
CA LEU B 160 22.54 10.42 -9.77
C LEU B 160 23.55 11.08 -8.79
N ALA B 161 24.48 10.29 -8.24
CA ALA B 161 25.49 10.82 -7.32
C ALA B 161 26.55 11.68 -8.04
N ARG B 162 26.51 12.98 -7.75
CA ARG B 162 27.33 14.00 -8.43
C ARG B 162 28.17 14.87 -7.47
N LEU B 163 29.17 15.56 -8.02
CA LEU B 163 30.07 16.44 -7.25
C LEU B 163 30.06 17.88 -7.78
N PHE B 177 11.73 14.83 -10.71
CA PHE B 177 12.10 14.21 -9.43
C PHE B 177 10.86 13.92 -8.57
N PRO B 178 11.00 13.06 -7.55
CA PRO B 178 9.88 12.86 -6.63
C PRO B 178 9.76 14.06 -5.67
N ILE B 179 8.81 14.95 -5.98
CA ILE B 179 8.57 16.17 -5.21
C ILE B 179 8.41 15.94 -3.71
N LYS B 180 7.73 14.86 -3.32
CA LYS B 180 7.44 14.64 -1.91
C LYS B 180 8.70 14.44 -1.05
N TRP B 181 9.81 14.08 -1.68
CA TRP B 181 11.07 13.88 -0.96
C TRP B 181 12.10 15.01 -1.26
N THR B 182 11.70 15.95 -2.10
CA THR B 182 12.65 16.91 -2.62
C THR B 182 12.57 18.27 -1.97
N ALA B 183 13.71 18.77 -1.51
CA ALA B 183 13.79 20.10 -0.94
C ALA B 183 13.25 21.09 -1.96
N PRO B 184 12.48 22.08 -1.50
CA PRO B 184 11.88 23.04 -2.41
C PRO B 184 12.89 23.79 -3.28
N GLU B 185 14.01 24.21 -2.72
CA GLU B 185 14.98 24.92 -3.54
C GLU B 185 15.51 24.02 -4.65
N ALA B 186 15.51 22.71 -4.41
CA ALA B 186 15.96 21.76 -5.42
C ALA B 186 14.85 21.48 -6.43
N ALA B 187 13.63 21.27 -5.95
CA ALA B 187 12.52 21.02 -6.86
C ALA B 187 12.23 22.24 -7.73
N LEU B 188 12.17 23.40 -7.10
CA LEU B 188 11.79 24.63 -7.80
C LEU B 188 12.88 25.22 -8.68
N TYR B 189 14.12 25.27 -8.18
CA TYR B 189 15.21 25.96 -8.87
C TYR B 189 16.42 25.10 -9.17
N GLY B 190 16.30 23.79 -9.03
CA GLY B 190 17.44 22.90 -9.21
C GLY B 190 18.64 23.20 -8.33
N ARG B 191 18.43 23.78 -7.15
CA ARG B 191 19.51 23.98 -6.19
C ARG B 191 19.73 22.66 -5.42
N PHE B 192 20.40 21.70 -6.06
CA PHE B 192 20.70 20.39 -5.43
C PHE B 192 22.03 20.37 -4.68
N THR B 193 21.94 20.25 -3.35
CA THR B 193 23.13 20.24 -2.50
C THR B 193 22.98 19.17 -1.44
N ILE B 194 24.02 18.97 -0.63
CA ILE B 194 23.96 18.05 0.48
C ILE B 194 22.84 18.48 1.43
N LYS B 195 22.55 19.78 1.47
CA LYS B 195 21.48 20.29 2.32
C LYS B 195 20.10 19.91 1.80
N SER B 196 19.96 19.74 0.49
CA SER B 196 18.68 19.27 -0.02
C SER B 196 18.57 17.77 0.25
N ASP B 197 19.71 17.09 0.36
CA ASP B 197 19.70 15.69 0.77
C ASP B 197 19.23 15.56 2.24
N VAL B 198 19.71 16.48 3.07
CA VAL B 198 19.28 16.57 4.46
C VAL B 198 17.77 16.69 4.57
N TRP B 199 17.17 17.53 3.71
CA TRP B 199 15.71 17.61 3.62
C TRP B 199 15.10 16.23 3.34
N SER B 200 15.66 15.55 2.36
CA SER B 200 15.15 14.25 1.94
C SER B 200 15.28 13.24 3.09
N PHE B 201 16.37 13.35 3.83
CA PHE B 201 16.54 12.50 5.02
C PHE B 201 15.40 12.69 6.01
N GLY B 202 15.03 13.95 6.25
CA GLY B 202 13.91 14.29 7.11
C GLY B 202 12.62 13.62 6.70
N ILE B 203 12.39 13.53 5.40
CA ILE B 203 11.24 12.79 4.88
C ILE B 203 11.40 11.27 5.10
N LEU B 204 12.62 10.77 4.92
CA LEU B 204 12.90 9.35 5.16
C LEU B 204 12.62 8.99 6.62
N LEU B 205 12.86 9.94 7.53
CA LEU B 205 12.52 9.72 8.94
C LEU B 205 11.03 9.48 9.12
N THR B 206 10.18 10.11 8.30
CA THR B 206 8.75 9.84 8.42
C THR B 206 8.40 8.45 7.86
N GLU B 207 9.04 8.08 6.74
CA GLU B 207 8.91 6.74 6.19
C GLU B 207 9.27 5.68 7.24
N LEU B 208 10.35 5.92 7.96
CA LEU B 208 10.81 4.96 8.97
C LEU B 208 9.83 4.84 10.11
N THR B 209 9.18 5.95 10.47
CA THR B 209 8.33 5.96 11.65
C THR B 209 6.84 5.75 11.34
N THR B 210 6.48 5.74 10.06
CA THR B 210 5.12 5.38 9.68
C THR B 210 5.15 4.02 9.01
N LYS B 211 6.26 3.32 9.15
CA LYS B 211 6.41 2.00 8.56
C LYS B 211 6.24 1.98 7.03
N GLY B 212 6.78 2.98 6.34
CA GLY B 212 6.81 2.96 4.87
C GLY B 212 5.73 3.74 4.12
N ARG B 213 4.92 4.50 4.85
CA ARG B 213 3.83 5.24 4.21
C ARG B 213 4.31 6.38 3.36
N VAL B 214 3.59 6.63 2.27
CA VAL B 214 3.88 7.75 1.40
C VAL B 214 3.70 9.02 2.20
N PRO B 215 4.67 9.94 2.11
CA PRO B 215 4.60 11.20 2.86
C PRO B 215 3.42 12.06 2.40
N TYR B 216 3.02 13.01 3.23
CA TYR B 216 1.92 13.91 2.90
C TYR B 216 0.70 13.16 2.42
N PRO B 217 0.15 12.25 3.26
CA PRO B 217 -0.94 11.37 2.83
C PRO B 217 -2.14 12.17 2.35
N GLY B 218 -2.67 11.81 1.18
CA GLY B 218 -3.85 12.47 0.65
C GLY B 218 -3.57 13.70 -0.19
N MET B 219 -2.34 14.19 -0.13
CA MET B 219 -1.94 15.34 -0.92
C MET B 219 -1.27 14.94 -2.23
N VAL B 220 -1.59 15.62 -3.31
CA VAL B 220 -0.90 15.37 -4.57
C VAL B 220 0.29 16.31 -4.69
N ASN B 221 1.21 16.01 -5.62
CA ASN B 221 2.44 16.78 -5.79
C ASN B 221 2.27 18.29 -5.76
N ARG B 222 1.40 18.80 -6.62
CA ARG B 222 1.15 20.23 -6.71
C ARG B 222 0.70 20.80 -5.36
N GLU B 223 -0.19 20.09 -4.69
CA GLU B 223 -0.72 20.51 -3.40
C GLU B 223 0.40 20.52 -2.34
N VAL B 224 1.32 19.57 -2.47
CA VAL B 224 2.50 19.46 -1.62
C VAL B 224 3.46 20.65 -1.79
N LEU B 225 3.74 20.99 -3.04
CA LEU B 225 4.62 22.10 -3.32
C LEU B 225 4.03 23.43 -2.82
N ASP B 226 2.77 23.70 -3.16
CA ASP B 226 2.07 24.88 -2.66
C ASP B 226 2.20 24.99 -1.15
N GLN B 227 1.83 23.92 -0.45
CA GLN B 227 1.74 23.92 0.99
C GLN B 227 3.09 24.04 1.70
N VAL B 228 4.08 23.28 1.23
CA VAL B 228 5.39 23.36 1.84
C VAL B 228 5.95 24.77 1.70
N GLU B 229 5.66 25.41 0.58
CA GLU B 229 6.13 26.79 0.37
C GLU B 229 5.48 27.75 1.35
N ARG B 230 4.22 27.48 1.67
CA ARG B 230 3.50 28.24 2.69
C ARG B 230 3.83 27.84 4.13
N GLY B 231 4.92 27.10 4.34
CA GLY B 231 5.34 26.73 5.69
C GLY B 231 4.77 25.44 6.28
N TYR B 232 3.84 24.78 5.58
CA TYR B 232 3.35 23.49 6.07
C TYR B 232 4.48 22.44 6.23
N ARG B 233 4.33 21.57 7.22
CA ARG B 233 5.28 20.51 7.47
C ARG B 233 4.48 19.36 8.06
N MET B 234 4.88 18.13 7.78
CA MET B 234 4.16 17.00 8.33
C MET B 234 4.13 17.06 9.87
N PRO B 235 3.00 16.67 10.45
CA PRO B 235 2.84 16.68 11.90
C PRO B 235 3.62 15.53 12.51
N CYS B 236 3.81 15.55 13.81
CA CYS B 236 4.43 14.42 14.49
C CYS B 236 3.64 13.14 14.22
N PRO B 237 4.30 12.13 13.64
CA PRO B 237 3.63 10.82 13.45
C PRO B 237 3.20 10.18 14.80
N PRO B 238 2.10 9.42 14.77
CA PRO B 238 1.59 8.79 15.98
C PRO B 238 2.61 7.89 16.68
N GLU B 239 2.67 8.00 18.01
CA GLU B 239 3.62 7.27 18.85
C GLU B 239 5.09 7.66 18.67
N CYS B 240 5.39 8.58 17.76
CA CYS B 240 6.76 9.04 17.58
C CYS B 240 7.06 10.22 18.52
N PRO B 241 8.14 10.14 19.30
CA PRO B 241 8.51 11.19 20.26
C PRO B 241 8.62 12.54 19.59
N GLU B 242 8.16 13.59 20.26
CA GLU B 242 8.27 14.96 19.72
C GLU B 242 9.70 15.35 19.39
N SER B 243 10.65 14.83 20.17
CA SER B 243 12.07 15.13 19.93
C SER B 243 12.52 14.70 18.54
N LEU B 244 12.09 13.52 18.09
CA LEU B 244 12.41 13.06 16.73
C LEU B 244 11.71 13.89 15.65
N HIS B 245 10.45 14.26 15.90
CA HIS B 245 9.78 15.13 14.96
C HIS B 245 10.49 16.49 14.84
N ASP B 246 11.10 16.97 15.92
CA ASP B 246 11.83 18.22 15.86
C ASP B 246 13.05 18.09 14.97
N LEU B 247 13.68 16.91 15.00
CA LEU B 247 14.80 16.63 14.13
C LEU B 247 14.32 16.78 12.70
N MET B 248 13.18 16.18 12.40
CA MET B 248 12.61 16.25 11.08
C MET B 248 12.47 17.70 10.67
N CYS B 249 11.83 18.50 11.53
CA CYS B 249 11.64 19.92 11.29
C CYS B 249 12.96 20.71 11.11
N GLN B 250 14.00 20.33 11.84
CA GLN B 250 15.30 20.92 11.62
C GLN B 250 15.76 20.61 10.20
N CYS B 251 15.48 19.38 9.75
CA CYS B 251 15.85 18.97 8.39
C CYS B 251 15.00 19.68 7.34
N TRP B 252 13.84 20.19 7.75
CA TRP B 252 12.94 20.81 6.79
C TRP B 252 12.93 22.34 6.88
N ARG B 253 13.99 22.92 7.42
CA ARG B 253 14.07 24.38 7.44
C ARG B 253 14.10 24.95 6.02
N LYS B 254 13.41 26.07 5.82
CA LYS B 254 13.34 26.70 4.50
C LYS B 254 14.73 27.07 4.02
N ASP B 255 15.59 27.44 4.95
CA ASP B 255 16.91 27.90 4.57
C ASP B 255 17.90 26.77 4.63
N PRO B 256 18.32 26.28 3.46
CA PRO B 256 19.19 25.11 3.36
C PRO B 256 20.39 25.16 4.30
N GLU B 257 20.98 26.33 4.49
CA GLU B 257 22.18 26.45 5.31
C GLU B 257 21.88 26.27 6.80
N GLU B 258 20.60 26.32 7.17
CA GLU B 258 20.22 26.14 8.57
C GLU B 258 20.00 24.68 8.96
N ARG B 259 19.87 23.82 7.94
CA ARG B 259 19.67 22.39 8.17
C ARG B 259 20.94 21.81 8.79
N PRO B 260 20.77 20.83 9.70
CA PRO B 260 21.95 20.20 10.32
C PRO B 260 22.76 19.40 9.31
N THR B 261 24.02 19.13 9.64
CA THR B 261 24.84 18.24 8.83
C THR B 261 24.44 16.79 9.07
N PHE B 262 24.84 15.91 8.16
CA PHE B 262 24.62 14.50 8.37
C PHE B 262 25.47 14.04 9.55
N GLU B 263 26.61 14.70 9.73
CA GLU B 263 27.49 14.41 10.86
C GLU B 263 26.77 14.62 12.18
N TYR B 264 26.06 15.74 12.28
CA TYR B 264 25.22 16.00 13.43
C TYR B 264 24.11 14.94 13.53
N LEU B 265 23.34 14.78 12.46
CA LEU B 265 22.27 13.75 12.41
C LEU B 265 22.73 12.36 12.86
N GLN B 266 23.89 11.93 12.39
CA GLN B 266 24.39 10.63 12.79
C GLN B 266 24.58 10.56 14.31
N ALA B 267 25.23 11.59 14.86
CA ALA B 267 25.59 11.62 16.28
C ALA B 267 24.34 11.67 17.15
N PHE B 268 23.36 12.47 16.73
CA PHE B 268 22.09 12.59 17.43
C PHE B 268 21.40 11.22 17.48
N LEU B 269 21.33 10.56 16.33
CA LEU B 269 20.60 9.29 16.25
C LEU B 269 21.31 8.17 16.99
N GLU B 270 22.64 8.12 16.93
CA GLU B 270 23.38 7.11 17.69
C GLU B 270 23.21 7.29 19.19
N ASP B 271 23.04 8.53 19.63
CA ASP B 271 23.00 8.84 21.06
C ASP B 271 21.57 8.95 21.59
N TYR B 272 20.62 8.79 20.69
CA TYR B 272 19.22 9.14 20.96
C TYR B 272 18.67 8.66 22.29
N PHE B 273 18.86 7.38 22.60
CA PHE B 273 18.20 6.77 23.75
C PHE B 273 18.85 7.04 25.10
N THR B 274 20.02 7.66 25.09
CA THR B 274 20.63 8.10 26.34
C THR B 274 20.53 9.61 26.49
N SER B 275 20.94 10.35 25.47
CA SER B 275 20.98 11.81 25.53
C SER B 275 19.61 12.49 25.41
N THR B 276 18.67 11.89 24.68
CA THR B 276 17.49 12.63 24.22
C THR B 276 16.17 12.02 24.69
N GLU B 277 16.02 10.69 24.58
CA GLU B 277 14.83 10.01 25.13
C GLU B 277 15.24 8.94 26.12
N PRO B 278 15.79 9.33 27.28
CA PRO B 278 16.24 8.28 28.18
C PRO B 278 15.07 7.53 28.84
N GLN B 279 13.87 8.09 28.77
CA GLN B 279 12.71 7.50 29.45
C GLN B 279 11.81 6.80 28.43
N TYR B 280 12.35 6.54 27.25
CA TYR B 280 11.61 5.83 26.22
C TYR B 280 11.03 4.51 26.73
N GLN B 281 9.74 4.29 26.48
CA GLN B 281 9.11 3.00 26.75
C GLN B 281 8.38 2.55 25.50
N PRO B 282 8.50 1.26 25.16
CA PRO B 282 7.86 0.62 24.01
C PRO B 282 6.37 0.90 24.01
N GLY B 283 5.77 1.07 22.83
CA GLY B 283 4.34 1.26 22.69
C GLY B 283 3.80 0.22 21.72
N GLU B 284 2.59 0.43 21.20
CA GLU B 284 1.99 -0.54 20.29
C GLU B 284 2.77 -0.73 18.99
N ASN B 285 3.17 0.37 18.36
CA ASN B 285 3.80 0.31 17.05
C ASN B 285 5.22 0.81 16.99
N LEU B 286 5.54 1.76 17.87
CA LEU B 286 6.87 2.34 17.91
C LEU B 286 7.46 2.17 19.31
#